data_3K64
#
_entry.id   3K64
#
_cell.length_a   96.675
_cell.length_b   96.675
_cell.length_c   101.542
_cell.angle_alpha   90.00
_cell.angle_beta   90.00
_cell.angle_gamma   120.00
#
_symmetry.space_group_name_H-M   'P 61'
#
loop_
_entity.id
_entity.type
_entity.pdbx_description
1 polymer 'Fem-3 mRNA-binding factor 2'
2 polymer "5'-R(*UP*GP*UP*GP*UP*CP*AP*UP*U)-3'"
3 water water
#
loop_
_entity_poly.entity_id
_entity_poly.type
_entity_poly.pdbx_seq_one_letter_code
_entity_poly.pdbx_strand_id
1 'polypeptide(L)'
;SNNVLPTWSLDSNGEMRSRLSLSEVLDSGDLMKFAVDKTGCQFLEKAVKGSLTSYQKFQLFEQVIGRKDDFLKLSTNIFG
NYLVQSVIGISLATNDDGYTKRQEKLKNFISSQMTDMCLDKFACRVIQSSLQNMDLSLACKLVQALPRDARLIAICVDQN
ANHVIQKVVAVIPLKNWEFIVDFVATPEHLRQICSDKYGCRVVQTIIEKLTADSMNVDLTSAAQNLRERALQRLMTSVTN
RCQELATNEYANYIIQHIVSNDDLAVYRECIIEKCLMRNLLSLSQEKFASHVVEKAFLHAPLELLAEMMDEIFDGYIPHP
DTGKDALDIMMFHQFGNYVVQCMLTICCDAVSGRRQTKEGGYDHAISFQDWLKKLHSRVTKERHRLSRFSSGKKMIETLA
NLRSTHPIYELQ
;
A
2 'polyribonucleotide' UGUGUCAUU B
#
# COMPACT_ATOMS: atom_id res chain seq x y z
N LEU A 5 12.60 34.01 -20.63
CA LEU A 5 11.63 34.10 -21.72
C LEU A 5 12.18 34.92 -22.88
N PRO A 6 11.66 34.69 -24.09
CA PRO A 6 12.01 35.49 -25.26
C PRO A 6 11.69 36.95 -25.04
N THR A 7 12.56 37.83 -25.49
CA THR A 7 12.35 39.27 -25.28
C THR A 7 11.07 39.78 -25.95
N TRP A 8 10.70 39.22 -27.09
CA TRP A 8 9.47 39.64 -27.77
C TRP A 8 8.23 39.45 -26.90
N SER A 9 8.34 38.58 -25.90
CA SER A 9 7.22 38.25 -25.04
C SER A 9 7.28 39.01 -23.73
N LEU A 10 8.17 40.00 -23.65
CA LEU A 10 8.40 40.70 -22.40
C LEU A 10 7.97 42.17 -22.45
N ASP A 11 7.64 42.71 -21.28
CA ASP A 11 7.33 44.13 -21.13
C ASP A 11 8.62 44.93 -21.04
N SER A 12 8.48 46.23 -20.82
CA SER A 12 9.62 47.08 -20.54
C SER A 12 10.08 46.86 -19.11
N ASN A 13 9.28 46.10 -18.37
CA ASN A 13 9.57 45.77 -16.98
C ASN A 13 10.32 44.45 -16.86
N GLY A 14 10.52 43.79 -18.01
CA GLY A 14 11.13 42.48 -18.03
C GLY A 14 10.14 41.43 -17.58
N GLU A 15 8.86 41.79 -17.60
CA GLU A 15 7.80 40.92 -17.14
C GLU A 15 7.00 40.42 -18.34
N MET A 16 6.71 39.12 -18.36
CA MET A 16 5.94 38.53 -19.45
C MET A 16 4.69 39.37 -19.74
N ARG A 17 4.51 39.73 -21.00
CA ARG A 17 3.38 40.55 -21.41
C ARG A 17 2.06 39.90 -21.07
N SER A 18 1.07 40.72 -20.73
CA SER A 18 -0.31 40.25 -20.66
C SER A 18 -0.86 40.32 -22.07
N ARG A 19 -1.97 39.64 -22.31
CA ARG A 19 -2.60 39.67 -23.63
C ARG A 19 -1.81 38.87 -24.68
N LEU A 20 -0.89 38.04 -24.20
CA LEU A 20 -0.15 37.13 -25.06
C LEU A 20 -1.12 36.05 -25.55
N SER A 21 -1.00 35.63 -26.80
CA SER A 21 -1.88 34.59 -27.33
C SER A 21 -1.16 33.24 -27.43
N LEU A 22 -1.93 32.16 -27.34
CA LEU A 22 -1.37 30.83 -27.48
C LEU A 22 -0.69 30.68 -28.84
N SER A 23 -1.37 31.14 -29.89
CA SER A 23 -0.85 30.98 -31.24
C SER A 23 0.47 31.71 -31.47
N GLU A 24 0.61 32.90 -30.90
CA GLU A 24 1.90 33.61 -30.91
C GLU A 24 3.01 32.71 -30.38
N VAL A 25 2.80 32.13 -29.21
CA VAL A 25 3.78 31.25 -28.60
C VAL A 25 4.05 30.01 -29.45
N LEU A 26 3.00 29.39 -29.97
CA LEU A 26 3.16 28.20 -30.81
C LEU A 26 3.91 28.51 -32.10
N ASP A 27 3.54 29.63 -32.73
CA ASP A 27 4.17 30.06 -33.99
C ASP A 27 5.65 30.42 -33.81
N SER A 28 6.00 30.88 -32.61
CA SER A 28 7.32 31.48 -32.37
C SER A 28 8.48 30.50 -32.36
N GLY A 29 8.21 29.23 -32.10
CA GLY A 29 9.25 28.24 -31.92
C GLY A 29 9.90 28.33 -30.54
N ASP A 30 9.36 29.19 -29.68
CA ASP A 30 9.92 29.42 -28.36
C ASP A 30 9.19 28.68 -27.24
N LEU A 31 8.28 27.77 -27.60
CA LEU A 31 7.48 27.10 -26.56
C LEU A 31 8.31 26.49 -25.42
N MET A 32 9.44 25.86 -25.75
CA MET A 32 10.25 25.20 -24.72
C MET A 32 10.75 26.18 -23.65
N LYS A 33 10.96 27.43 -24.02
CA LYS A 33 11.31 28.46 -23.03
C LYS A 33 10.16 28.76 -22.08
N PHE A 34 8.94 28.87 -22.61
CA PHE A 34 7.76 29.10 -21.77
C PHE A 34 7.45 27.91 -20.85
N ALA A 35 7.53 26.71 -21.40
CA ALA A 35 7.08 25.51 -20.68
C ALA A 35 7.93 25.17 -19.44
N VAL A 36 9.17 25.65 -19.39
CA VAL A 36 10.04 25.41 -18.23
C VAL A 36 10.11 26.62 -17.29
N ASP A 37 9.32 27.64 -17.58
CA ASP A 37 9.26 28.85 -16.77
C ASP A 37 7.97 28.85 -15.96
N LYS A 38 8.04 29.21 -14.69
CA LYS A 38 6.83 29.13 -13.86
C LYS A 38 5.69 29.93 -14.47
N THR A 39 5.96 31.19 -14.79
CA THR A 39 4.95 32.09 -15.32
C THR A 39 4.52 31.68 -16.73
N GLY A 40 5.48 31.35 -17.58
CA GLY A 40 5.19 30.93 -18.93
C GLY A 40 4.34 29.67 -18.97
N CYS A 41 4.66 28.69 -18.13
CA CYS A 41 3.93 27.44 -18.15
C CYS A 41 2.52 27.61 -17.60
N GLN A 42 2.39 28.52 -16.65
CA GLN A 42 1.10 28.87 -16.07
C GLN A 42 0.19 29.38 -17.16
N PHE A 43 0.71 30.26 -18.01
CA PHE A 43 -0.04 30.76 -19.16
C PHE A 43 -0.44 29.62 -20.11
N LEU A 44 0.53 28.80 -20.51
CA LEU A 44 0.23 27.67 -21.38
C LEU A 44 -0.81 26.72 -20.81
N GLU A 45 -0.69 26.39 -19.52
CA GLU A 45 -1.61 25.48 -18.86
C GLU A 45 -3.05 26.01 -18.88
N LYS A 46 -3.21 27.31 -18.74
CA LYS A 46 -4.55 27.92 -18.77
C LYS A 46 -5.06 27.96 -20.21
N ALA A 47 -4.18 28.32 -21.15
CA ALA A 47 -4.56 28.41 -22.55
C ALA A 47 -5.01 27.06 -23.11
N VAL A 48 -4.33 25.98 -22.75
CA VAL A 48 -4.68 24.66 -23.31
C VAL A 48 -5.94 24.04 -22.72
N LYS A 49 -6.54 24.69 -21.72
CA LYS A 49 -7.82 24.23 -21.18
C LYS A 49 -9.02 24.85 -21.90
N GLY A 50 -8.76 25.84 -22.76
CA GLY A 50 -9.84 26.52 -23.46
C GLY A 50 -10.16 25.87 -24.80
N SER A 51 -10.87 26.61 -25.66
CA SER A 51 -11.14 26.14 -27.00
C SER A 51 -9.84 26.15 -27.79
N LEU A 52 -9.57 25.05 -28.49
CA LEU A 52 -8.40 24.98 -29.33
C LEU A 52 -8.83 24.62 -30.74
N THR A 53 -8.29 25.35 -31.72
CA THR A 53 -8.51 24.99 -33.12
C THR A 53 -7.65 23.79 -33.43
N SER A 54 -8.00 23.11 -34.51
CA SER A 54 -7.27 21.94 -34.96
C SER A 54 -5.77 22.22 -35.07
N TYR A 55 -5.42 23.37 -35.62
CA TYR A 55 -4.00 23.64 -35.85
C TYR A 55 -3.27 23.91 -34.54
N GLN A 56 -3.94 24.57 -33.61
CA GLN A 56 -3.34 24.78 -32.29
C GLN A 56 -3.01 23.43 -31.66
N LYS A 57 -3.94 22.50 -31.72
CA LYS A 57 -3.68 21.14 -31.21
C LYS A 57 -2.51 20.49 -31.94
N PHE A 58 -2.51 20.61 -33.27
CA PHE A 58 -1.48 20.01 -34.11
C PHE A 58 -0.09 20.47 -33.65
N GLN A 59 0.03 21.77 -33.43
CA GLN A 59 1.27 22.39 -32.98
C GLN A 59 1.66 21.90 -31.59
N LEU A 60 0.69 21.88 -30.67
CA LEU A 60 0.95 21.35 -29.33
C LEU A 60 1.42 19.90 -29.41
N PHE A 61 0.75 19.09 -30.24
CA PHE A 61 1.11 17.69 -30.39
C PHE A 61 2.56 17.56 -30.85
N GLU A 62 2.95 18.39 -31.82
CA GLU A 62 4.28 18.31 -32.37
C GLU A 62 5.34 18.81 -31.38
N GLN A 63 5.03 19.89 -30.69
CA GLN A 63 6.04 20.58 -29.89
C GLN A 63 6.16 20.03 -28.47
N VAL A 64 5.10 19.41 -27.97
CA VAL A 64 5.12 18.92 -26.59
C VAL A 64 5.30 17.42 -26.47
N ILE A 65 4.64 16.67 -27.35
CA ILE A 65 4.75 15.21 -27.30
C ILE A 65 5.19 14.60 -28.62
N GLY A 66 5.79 15.40 -29.48
CA GLY A 66 6.08 14.97 -30.83
C GLY A 66 7.51 14.52 -31.06
N ARG A 67 8.43 15.06 -30.26
CA ARG A 67 9.83 14.69 -30.39
C ARG A 67 10.36 14.21 -29.05
N LYS A 68 11.11 13.12 -29.10
CA LYS A 68 11.53 12.41 -27.89
C LYS A 68 12.29 13.28 -26.91
N ASP A 69 13.27 14.04 -27.38
CA ASP A 69 14.11 14.80 -26.45
C ASP A 69 13.33 15.92 -25.74
N ASP A 70 12.54 16.68 -26.49
CA ASP A 70 11.72 17.72 -25.87
C ASP A 70 10.64 17.14 -24.95
N PHE A 71 10.02 16.05 -25.37
CA PHE A 71 9.07 15.33 -24.51
C PHE A 71 9.69 14.93 -23.16
N LEU A 72 10.89 14.35 -23.20
CA LEU A 72 11.58 13.96 -21.96
C LEU A 72 11.98 15.16 -21.12
N LYS A 73 12.45 16.21 -21.78
CA LYS A 73 12.83 17.42 -21.08
C LYS A 73 11.65 18.08 -20.35
N LEU A 74 10.48 18.10 -20.96
CA LEU A 74 9.32 18.67 -20.26
C LEU A 74 8.78 17.70 -19.22
N SER A 75 8.79 16.41 -19.55
CA SER A 75 8.29 15.39 -18.64
C SER A 75 9.04 15.40 -17.31
N THR A 76 10.35 15.63 -17.38
CA THR A 76 11.19 15.67 -16.19
C THR A 76 11.30 17.05 -15.56
N ASN A 77 10.46 17.98 -16.01
CA ASN A 77 10.55 19.35 -15.51
C ASN A 77 9.47 19.68 -14.52
N ILE A 78 9.84 20.47 -13.51
CA ILE A 78 8.95 20.79 -12.39
C ILE A 78 7.64 21.42 -12.89
N PHE A 79 7.74 22.27 -13.90
CA PHE A 79 6.55 22.90 -14.47
C PHE A 79 6.04 22.17 -15.71
N GLY A 80 6.95 21.80 -16.60
CA GLY A 80 6.56 21.23 -17.89
C GLY A 80 5.76 19.95 -17.80
N ASN A 81 5.95 19.16 -16.73
CA ASN A 81 5.27 17.87 -16.67
C ASN A 81 3.76 18.03 -16.68
N TYR A 82 3.27 19.15 -16.13
CA TYR A 82 1.84 19.45 -16.16
C TYR A 82 1.34 19.68 -17.59
N LEU A 83 2.12 20.44 -18.36
CA LEU A 83 1.80 20.72 -19.74
C LEU A 83 1.82 19.41 -20.55
N VAL A 84 2.81 18.57 -20.30
CA VAL A 84 2.86 17.28 -20.97
C VAL A 84 1.57 16.48 -20.71
N GLN A 85 1.13 16.42 -19.45
CA GLN A 85 -0.07 15.67 -19.11
C GLN A 85 -1.31 16.25 -19.76
N SER A 86 -1.42 17.57 -19.76
CA SER A 86 -2.52 18.23 -20.45
C SER A 86 -2.57 17.91 -21.93
N VAL A 87 -1.41 17.95 -22.58
CA VAL A 87 -1.37 17.70 -24.02
C VAL A 87 -1.64 16.22 -24.34
N ILE A 88 -1.17 15.33 -23.50
CA ILE A 88 -1.52 13.92 -23.66
C ILE A 88 -3.06 13.75 -23.61
N GLY A 89 -3.69 14.45 -22.68
CA GLY A 89 -5.14 14.42 -22.57
C GLY A 89 -5.85 14.94 -23.81
N ILE A 90 -5.35 16.04 -24.36
CA ILE A 90 -5.93 16.58 -25.58
C ILE A 90 -5.71 15.64 -26.77
N SER A 91 -4.53 15.04 -26.84
CA SER A 91 -4.21 14.07 -27.88
C SER A 91 -5.16 12.88 -27.85
N LEU A 92 -5.43 12.35 -26.66
CA LEU A 92 -6.36 11.24 -26.53
C LEU A 92 -7.80 11.64 -26.88
N ALA A 93 -8.14 12.91 -26.70
CA ALA A 93 -9.48 13.38 -27.00
C ALA A 93 -9.69 13.74 -28.48
N THR A 94 -8.63 13.72 -29.28
CA THR A 94 -8.70 14.19 -30.66
C THR A 94 -8.60 13.04 -31.65
N ASN A 95 -9.75 12.57 -32.11
CA ASN A 95 -9.81 11.41 -32.98
C ASN A 95 -9.67 11.71 -34.46
N ASP A 96 -8.64 12.46 -34.82
CA ASP A 96 -8.38 12.67 -36.24
C ASP A 96 -7.51 11.55 -36.76
N ASP A 97 -7.08 11.66 -38.01
CA ASP A 97 -6.27 10.64 -38.65
C ASP A 97 -4.91 10.44 -37.98
N GLY A 98 -4.45 11.44 -37.23
CA GLY A 98 -3.16 11.36 -36.57
C GLY A 98 -3.16 10.63 -35.23
N TYR A 99 -4.34 10.29 -34.74
CA TYR A 99 -4.48 9.73 -33.41
C TYR A 99 -3.53 8.56 -33.15
N THR A 100 -3.61 7.53 -33.99
CA THR A 100 -2.87 6.30 -33.73
C THR A 100 -1.37 6.53 -33.63
N LYS A 101 -0.85 7.30 -34.58
CA LYS A 101 0.56 7.60 -34.66
C LYS A 101 1.02 8.36 -33.42
N ARG A 102 0.24 9.35 -32.98
CA ARG A 102 0.58 10.09 -31.77
C ARG A 102 0.67 9.18 -30.53
N GLN A 103 -0.26 8.25 -30.40
CA GLN A 103 -0.28 7.44 -29.18
C GLN A 103 0.83 6.38 -29.21
N GLU A 104 1.13 5.89 -30.41
CA GLU A 104 2.19 4.90 -30.58
C GLU A 104 3.53 5.55 -30.28
N LYS A 105 3.70 6.77 -30.75
CA LYS A 105 4.90 7.54 -30.49
C LYS A 105 5.07 7.79 -28.99
N LEU A 106 3.99 8.15 -28.32
CA LEU A 106 4.05 8.38 -26.88
C LEU A 106 4.45 7.09 -26.16
N LYS A 107 3.86 5.98 -26.57
CA LYS A 107 4.20 4.69 -25.98
C LYS A 107 5.68 4.36 -26.17
N ASN A 108 6.19 4.64 -27.36
CA ASN A 108 7.58 4.38 -27.70
C ASN A 108 8.54 5.26 -26.91
N PHE A 109 8.19 6.54 -26.79
CA PHE A 109 9.02 7.47 -26.03
C PHE A 109 9.15 6.99 -24.60
N ILE A 110 8.01 6.71 -23.98
CA ILE A 110 7.99 6.31 -22.58
C ILE A 110 8.65 4.94 -22.37
N SER A 111 8.31 3.97 -23.20
CA SER A 111 8.85 2.62 -23.04
C SER A 111 10.37 2.63 -23.07
N SER A 112 10.91 3.42 -24.00
CA SER A 112 12.35 3.47 -24.22
C SER A 112 13.10 4.06 -23.03
N GLN A 113 12.39 4.82 -22.20
CA GLN A 113 13.01 5.48 -21.05
C GLN A 113 12.30 5.14 -19.74
N MET A 114 11.65 3.98 -19.70
CA MET A 114 10.74 3.66 -18.61
C MET A 114 11.34 3.80 -17.21
N THR A 115 12.49 3.17 -16.97
CA THR A 115 13.08 3.18 -15.63
C THR A 115 13.44 4.59 -15.20
N ASP A 116 14.10 5.34 -16.08
CA ASP A 116 14.51 6.70 -15.75
C ASP A 116 13.31 7.59 -15.46
N MET A 117 12.24 7.46 -16.25
CA MET A 117 11.05 8.26 -16.00
C MET A 117 10.36 7.88 -14.68
N CYS A 118 10.29 6.59 -14.37
CA CYS A 118 9.62 6.15 -13.14
C CYS A 118 10.32 6.72 -11.90
N LEU A 119 11.65 6.76 -11.96
CA LEU A 119 12.47 7.20 -10.84
C LEU A 119 12.48 8.72 -10.65
N ASP A 120 12.09 9.45 -11.69
CA ASP A 120 12.11 10.91 -11.66
C ASP A 120 10.87 11.45 -10.96
N LYS A 121 11.08 12.43 -10.08
CA LYS A 121 10.00 13.00 -9.28
C LYS A 121 8.83 13.50 -10.15
N PHE A 122 9.14 14.10 -11.29
CA PHE A 122 8.11 14.69 -12.13
C PHE A 122 7.62 13.79 -13.26
N ALA A 123 8.54 13.07 -13.90
CA ALA A 123 8.14 12.21 -15.02
C ALA A 123 7.31 11.02 -14.52
N CYS A 124 7.45 10.65 -13.25
CA CYS A 124 6.63 9.55 -12.74
C CYS A 124 5.15 9.96 -12.76
N ARG A 125 4.89 11.25 -12.69
CA ARG A 125 3.52 11.73 -12.80
C ARG A 125 2.96 11.56 -14.22
N VAL A 126 3.80 11.81 -15.20
CA VAL A 126 3.44 11.58 -16.61
C VAL A 126 3.14 10.10 -16.85
N ILE A 127 3.95 9.23 -16.26
CA ILE A 127 3.72 7.79 -16.37
C ILE A 127 2.37 7.40 -15.78
N GLN A 128 2.12 7.84 -14.55
CA GLN A 128 0.87 7.48 -13.89
C GLN A 128 -0.35 7.96 -14.68
N SER A 129 -0.29 9.19 -15.17
CA SER A 129 -1.41 9.73 -15.93
C SER A 129 -1.65 8.92 -17.18
N SER A 130 -0.56 8.56 -17.85
CA SER A 130 -0.65 7.78 -19.09
C SER A 130 -1.26 6.40 -18.85
N LEU A 131 -0.84 5.75 -17.76
CA LEU A 131 -1.34 4.42 -17.43
C LEU A 131 -2.86 4.39 -17.26
N GLN A 132 -3.42 5.45 -16.68
CA GLN A 132 -4.86 5.41 -16.44
C GLN A 132 -5.70 6.05 -17.54
N ASN A 133 -5.06 6.83 -18.41
CA ASN A 133 -5.80 7.57 -19.43
C ASN A 133 -5.68 7.00 -20.84
N MET A 134 -4.52 6.41 -21.17
CA MET A 134 -4.30 5.92 -22.51
C MET A 134 -5.23 4.74 -22.79
N ASP A 135 -5.44 4.44 -24.07
CA ASP A 135 -6.16 3.22 -24.41
C ASP A 135 -5.48 2.07 -23.67
N LEU A 136 -6.28 1.15 -23.13
CA LEU A 136 -5.74 0.09 -22.30
C LEU A 136 -4.67 -0.73 -23.00
N SER A 137 -4.89 -1.09 -24.25
CA SER A 137 -3.90 -1.88 -24.99
C SER A 137 -2.52 -1.20 -25.02
N LEU A 138 -2.51 0.11 -25.16
CA LEU A 138 -1.24 0.84 -25.13
C LEU A 138 -0.67 0.97 -23.72
N ALA A 139 -1.54 1.21 -22.74
CA ALA A 139 -1.09 1.28 -21.35
C ALA A 139 -0.44 -0.03 -20.93
N CYS A 140 -0.98 -1.15 -21.41
CA CYS A 140 -0.36 -2.45 -21.13
C CYS A 140 1.08 -2.55 -21.65
N LYS A 141 1.34 -1.94 -22.80
CA LYS A 141 2.69 -1.91 -23.38
C LYS A 141 3.68 -1.18 -22.47
N LEU A 142 3.22 -0.09 -21.85
CA LEU A 142 4.05 0.62 -20.88
C LEU A 142 4.50 -0.30 -19.75
N VAL A 143 3.56 -1.10 -19.26
CA VAL A 143 3.85 -2.03 -18.17
C VAL A 143 4.90 -3.05 -18.61
N GLN A 144 4.80 -3.47 -19.86
CA GLN A 144 5.75 -4.42 -20.42
C GLN A 144 7.17 -3.86 -20.40
N ALA A 145 7.30 -2.53 -20.45
CA ALA A 145 8.61 -1.87 -20.47
C ALA A 145 9.25 -1.74 -19.09
N LEU A 146 8.54 -2.11 -18.03
CA LEU A 146 9.17 -2.11 -16.72
C LEU A 146 10.35 -3.10 -16.72
N PRO A 147 11.43 -2.75 -16.00
CA PRO A 147 12.60 -3.62 -15.89
C PRO A 147 12.26 -4.87 -15.10
N ARG A 148 13.04 -5.94 -15.26
CA ARG A 148 12.79 -7.19 -14.56
C ARG A 148 13.98 -7.59 -13.70
N ASP A 149 14.94 -6.68 -13.56
CA ASP A 149 16.14 -6.98 -12.80
C ASP A 149 16.19 -6.12 -11.54
N ALA A 150 17.41 -5.88 -11.05
CA ALA A 150 17.60 -5.11 -9.83
C ALA A 150 16.95 -3.73 -9.87
N ARG A 151 16.78 -3.18 -11.08
CA ARG A 151 16.16 -1.87 -11.24
C ARG A 151 14.68 -1.89 -10.79
N LEU A 152 14.06 -3.06 -10.85
CA LEU A 152 12.68 -3.17 -10.40
C LEU A 152 12.59 -3.04 -8.88
N ILE A 153 13.61 -3.53 -8.17
CA ILE A 153 13.69 -3.33 -6.72
C ILE A 153 13.80 -1.83 -6.42
N ALA A 154 14.72 -1.17 -7.12
CA ALA A 154 14.92 0.27 -6.99
C ALA A 154 13.61 1.05 -7.20
N ILE A 155 12.83 0.62 -8.18
CA ILE A 155 11.55 1.26 -8.44
C ILE A 155 10.59 1.05 -7.26
N CYS A 156 10.48 -0.19 -6.79
CA CYS A 156 9.58 -0.50 -5.68
C CYS A 156 9.89 0.26 -4.39
N VAL A 157 11.16 0.56 -4.13
CA VAL A 157 11.53 1.20 -2.88
C VAL A 157 11.75 2.68 -3.03
N ASP A 158 11.50 3.20 -4.22
CA ASP A 158 11.70 4.63 -4.48
C ASP A 158 10.52 5.47 -3.99
N GLN A 159 10.85 6.60 -3.37
CA GLN A 159 9.89 7.55 -2.86
C GLN A 159 8.89 8.05 -3.92
N ASN A 160 9.35 8.17 -5.17
CA ASN A 160 8.47 8.55 -6.29
C ASN A 160 7.94 7.35 -7.03
N ALA A 161 8.84 6.47 -7.44
CA ALA A 161 8.49 5.40 -8.36
C ALA A 161 7.55 4.35 -7.78
N ASN A 162 7.53 4.19 -6.47
CA ASN A 162 6.62 3.19 -5.90
C ASN A 162 5.18 3.47 -6.32
N HIS A 163 4.86 4.75 -6.52
CA HIS A 163 3.51 5.14 -6.93
C HIS A 163 3.17 4.70 -8.36
N VAL A 164 4.20 4.53 -9.18
CA VAL A 164 3.98 3.97 -10.50
C VAL A 164 3.52 2.51 -10.39
N ILE A 165 4.20 1.72 -9.58
CA ILE A 165 3.78 0.33 -9.38
C ILE A 165 2.36 0.26 -8.79
N GLN A 166 2.06 1.11 -7.82
CA GLN A 166 0.71 1.18 -7.24
C GLN A 166 -0.33 1.56 -8.28
N LYS A 167 0.01 2.46 -9.19
CA LYS A 167 -0.93 2.81 -10.25
C LYS A 167 -1.16 1.63 -11.21
N VAL A 168 -0.09 0.93 -11.56
CA VAL A 168 -0.19 -0.22 -12.43
C VAL A 168 -1.17 -1.22 -11.84
N VAL A 169 -0.97 -1.54 -10.56
CA VAL A 169 -1.84 -2.45 -9.85
C VAL A 169 -3.31 -2.00 -9.85
N ALA A 170 -3.54 -0.69 -9.79
CA ALA A 170 -4.88 -0.13 -9.75
C ALA A 170 -5.64 -0.19 -11.08
N VAL A 171 -4.96 0.10 -12.19
CA VAL A 171 -5.66 0.32 -13.46
C VAL A 171 -5.34 -0.63 -14.62
N ILE A 172 -4.49 -1.62 -14.39
CA ILE A 172 -4.09 -2.56 -15.44
C ILE A 172 -4.48 -3.97 -15.01
N PRO A 173 -5.01 -4.80 -15.93
CA PRO A 173 -5.36 -6.17 -15.57
C PRO A 173 -4.15 -6.99 -15.11
N LEU A 174 -4.40 -7.88 -14.15
CA LEU A 174 -3.35 -8.65 -13.50
C LEU A 174 -2.40 -9.36 -14.46
N LYS A 175 -2.93 -9.90 -15.55
CA LYS A 175 -2.09 -10.70 -16.45
C LYS A 175 -0.84 -9.92 -16.87
N ASN A 176 -1.01 -8.62 -17.08
CA ASN A 176 0.10 -7.77 -17.49
C ASN A 176 1.17 -7.54 -16.44
N TRP A 177 0.79 -7.56 -15.16
CA TRP A 177 1.77 -7.32 -14.11
C TRP A 177 2.00 -8.50 -13.19
N GLU A 178 1.50 -9.68 -13.58
CA GLU A 178 1.72 -10.87 -12.80
C GLU A 178 3.21 -11.10 -12.57
N PHE A 179 4.03 -10.69 -13.52
CA PHE A 179 5.48 -10.81 -13.38
C PHE A 179 6.02 -10.06 -12.17
N ILE A 180 5.35 -8.98 -11.77
CA ILE A 180 5.77 -8.22 -10.60
C ILE A 180 5.50 -9.04 -9.33
N VAL A 181 4.36 -9.69 -9.29
CA VAL A 181 4.00 -10.55 -8.17
C VAL A 181 5.04 -11.66 -7.98
N ASP A 182 5.41 -12.31 -9.08
CA ASP A 182 6.40 -13.37 -9.03
C ASP A 182 7.78 -12.81 -8.68
N PHE A 183 8.11 -11.65 -9.22
CA PHE A 183 9.36 -10.96 -8.87
C PHE A 183 9.46 -10.71 -7.36
N VAL A 184 8.43 -10.06 -6.81
CA VAL A 184 8.40 -9.73 -5.39
C VAL A 184 8.42 -10.97 -4.49
N ALA A 185 7.83 -12.05 -4.96
CA ALA A 185 7.73 -13.26 -4.12
C ALA A 185 9.04 -14.03 -4.05
N THR A 186 10.01 -13.66 -4.89
CA THR A 186 11.33 -14.27 -4.77
C THR A 186 11.89 -13.94 -3.39
N PRO A 187 12.35 -14.96 -2.65
CA PRO A 187 12.78 -14.79 -1.26
C PRO A 187 13.63 -13.56 -1.01
N GLU A 188 14.68 -13.37 -1.81
CA GLU A 188 15.61 -12.26 -1.58
C GLU A 188 14.94 -10.92 -1.88
N HIS A 189 14.08 -10.91 -2.90
CA HIS A 189 13.36 -9.68 -3.24
C HIS A 189 12.32 -9.33 -2.17
N LEU A 190 11.57 -10.32 -1.72
CA LEU A 190 10.56 -10.11 -0.71
C LEU A 190 11.19 -9.49 0.53
N ARG A 191 12.34 -10.02 0.91
CA ARG A 191 13.06 -9.53 2.08
C ARG A 191 13.40 -8.05 1.95
N GLN A 192 14.04 -7.68 0.84
CA GLN A 192 14.44 -6.30 0.60
C GLN A 192 13.25 -5.38 0.52
N ILE A 193 12.27 -5.74 -0.30
CA ILE A 193 11.15 -4.85 -0.57
C ILE A 193 10.25 -4.65 0.65
N CYS A 194 9.91 -5.74 1.34
CA CYS A 194 9.01 -5.64 2.51
C CYS A 194 9.62 -4.89 3.67
N SER A 195 10.95 -4.94 3.76
CA SER A 195 11.68 -4.27 4.82
C SER A 195 11.98 -2.82 4.48
N ASP A 196 11.26 -2.27 3.51
CA ASP A 196 11.44 -0.88 3.10
C ASP A 196 10.15 -0.09 3.32
N LYS A 197 10.31 1.17 3.74
CA LYS A 197 9.19 2.07 3.99
C LYS A 197 8.19 2.11 2.82
N TYR A 198 8.71 2.30 1.61
CA TYR A 198 7.84 2.40 0.45
C TYR A 198 7.54 1.02 -0.13
N GLY A 199 8.54 0.15 -0.11
CA GLY A 199 8.36 -1.20 -0.62
C GLY A 199 7.24 -1.94 0.09
N CYS A 200 7.08 -1.72 1.40
CA CYS A 200 6.05 -2.44 2.14
C CYS A 200 4.66 -1.95 1.73
N ARG A 201 4.54 -0.65 1.47
CA ARG A 201 3.29 -0.09 0.93
C ARG A 201 2.95 -0.70 -0.43
N VAL A 202 3.95 -0.90 -1.28
CA VAL A 202 3.72 -1.54 -2.58
C VAL A 202 3.20 -2.96 -2.41
N VAL A 203 3.82 -3.73 -1.52
CA VAL A 203 3.39 -5.10 -1.30
C VAL A 203 1.98 -5.15 -0.73
N GLN A 204 1.65 -4.24 0.18
CA GLN A 204 0.28 -4.24 0.71
C GLN A 204 -0.74 -3.94 -0.37
N THR A 205 -0.45 -2.98 -1.22
CA THR A 205 -1.33 -2.66 -2.33
C THR A 205 -1.54 -3.85 -3.29
N ILE A 206 -0.47 -4.59 -3.55
CA ILE A 206 -0.58 -5.79 -4.39
C ILE A 206 -1.49 -6.82 -3.73
N ILE A 207 -1.26 -7.07 -2.45
CA ILE A 207 -2.11 -8.00 -1.70
C ILE A 207 -3.59 -7.61 -1.74
N GLU A 208 -3.86 -6.32 -1.55
CA GLU A 208 -5.22 -5.80 -1.62
C GLU A 208 -5.89 -6.04 -2.97
N LYS A 209 -5.16 -5.79 -4.04
CA LYS A 209 -5.69 -6.02 -5.37
C LYS A 209 -5.88 -7.52 -5.65
N LEU A 210 -5.06 -8.37 -5.02
CA LEU A 210 -5.19 -9.83 -5.20
C LEU A 210 -6.21 -10.49 -4.28
N THR A 211 -6.94 -9.68 -3.52
CA THR A 211 -7.93 -10.21 -2.59
C THR A 211 -9.31 -10.33 -3.23
N ALA A 212 -9.96 -11.47 -3.02
CA ALA A 212 -11.32 -11.66 -3.56
C ALA A 212 -12.34 -10.96 -2.67
N ASP A 213 -12.36 -9.64 -2.72
CA ASP A 213 -13.28 -8.89 -1.89
C ASP A 213 -14.36 -8.20 -2.72
N SER A 214 -15.15 -7.34 -2.08
CA SER A 214 -16.31 -6.77 -2.73
C SER A 214 -15.89 -5.90 -3.91
N MET A 215 -14.64 -5.44 -3.91
CA MET A 215 -14.14 -4.62 -5.01
C MET A 215 -13.73 -5.41 -6.27
N ASN A 216 -13.62 -6.73 -6.15
CA ASN A 216 -13.27 -7.56 -7.31
C ASN A 216 -14.42 -8.40 -7.88
N VAL A 217 -15.67 -8.11 -7.52
CA VAL A 217 -16.77 -8.96 -8.00
C VAL A 217 -17.00 -8.84 -9.50
N ASP A 218 -16.43 -7.81 -10.12
CA ASP A 218 -16.58 -7.61 -11.55
C ASP A 218 -15.62 -8.48 -12.40
N LEU A 219 -14.68 -9.16 -11.75
CA LEU A 219 -13.78 -10.05 -12.49
C LEU A 219 -14.55 -11.23 -13.07
N THR A 220 -14.19 -11.65 -14.28
CA THR A 220 -14.65 -12.93 -14.80
C THR A 220 -14.10 -14.06 -13.92
N SER A 221 -14.73 -15.23 -13.98
CA SER A 221 -14.23 -16.36 -13.21
C SER A 221 -12.83 -16.78 -13.66
N ALA A 222 -12.54 -16.62 -14.94
CA ALA A 222 -11.18 -16.87 -15.40
C ALA A 222 -10.17 -15.90 -14.76
N ALA A 223 -10.54 -14.63 -14.66
CA ALA A 223 -9.67 -13.66 -14.00
C ALA A 223 -9.56 -13.95 -12.50
N GLN A 224 -10.63 -14.44 -11.89
CA GLN A 224 -10.60 -14.78 -10.46
C GLN A 224 -9.61 -15.92 -10.22
N ASN A 225 -9.54 -16.84 -11.17
CA ASN A 225 -8.64 -17.97 -11.01
C ASN A 225 -7.19 -17.53 -11.16
N LEU A 226 -6.94 -16.63 -12.10
CA LEU A 226 -5.61 -16.04 -12.24
C LEU A 226 -5.21 -15.34 -10.95
N ARG A 227 -6.13 -14.55 -10.40
CA ARG A 227 -5.89 -13.82 -9.15
C ARG A 227 -5.61 -14.79 -7.98
N GLU A 228 -6.41 -15.83 -7.86
CA GLU A 228 -6.29 -16.75 -6.73
C GLU A 228 -4.92 -17.42 -6.73
N ARG A 229 -4.44 -17.77 -7.92
CA ARG A 229 -3.14 -18.40 -8.08
C ARG A 229 -2.00 -17.45 -7.74
N ALA A 230 -2.09 -16.21 -8.22
CA ALA A 230 -1.07 -15.22 -7.89
C ALA A 230 -1.03 -14.96 -6.38
N LEU A 231 -2.20 -14.88 -5.76
CA LEU A 231 -2.30 -14.63 -4.33
C LEU A 231 -1.67 -15.78 -3.57
N GLN A 232 -2.03 -17.00 -3.96
CA GLN A 232 -1.51 -18.20 -3.32
C GLN A 232 0.01 -18.25 -3.41
N ARG A 233 0.55 -17.85 -4.55
CA ARG A 233 2.00 -17.83 -4.71
C ARG A 233 2.67 -16.79 -3.84
N LEU A 234 2.07 -15.62 -3.73
CA LEU A 234 2.64 -14.56 -2.90
C LEU A 234 2.54 -14.91 -1.42
N MET A 235 1.39 -15.47 -1.02
CA MET A 235 1.18 -15.83 0.37
C MET A 235 2.13 -16.94 0.82
N THR A 236 2.43 -17.85 -0.09
CA THR A 236 3.36 -18.93 0.24
C THR A 236 4.71 -18.33 0.63
N SER A 237 5.14 -17.34 -0.15
CA SER A 237 6.41 -16.66 0.10
C SER A 237 6.39 -15.86 1.40
N VAL A 238 5.31 -15.10 1.61
CA VAL A 238 5.14 -14.36 2.86
C VAL A 238 5.15 -15.31 4.05
N THR A 239 4.39 -16.41 3.93
CA THR A 239 4.32 -17.38 5.03
C THR A 239 5.68 -18.02 5.31
N ASN A 240 6.47 -18.24 4.27
CA ASN A 240 7.80 -18.83 4.44
C ASN A 240 8.76 -17.93 5.23
N ARG A 241 8.46 -16.63 5.29
CA ARG A 241 9.32 -15.70 5.99
C ARG A 241 8.57 -14.90 7.03
N CYS A 242 7.45 -15.44 7.54
CA CYS A 242 6.61 -14.59 8.37
C CYS A 242 7.24 -14.17 9.68
N GLN A 243 8.09 -15.01 10.28
CA GLN A 243 8.79 -14.60 11.49
C GLN A 243 9.64 -13.34 11.27
N GLU A 244 10.39 -13.35 10.18
CA GLU A 244 11.23 -12.20 9.84
C GLU A 244 10.37 -10.98 9.54
N LEU A 245 9.28 -11.18 8.79
CA LEU A 245 8.40 -10.07 8.42
C LEU A 245 7.64 -9.51 9.61
N ALA A 246 7.08 -10.39 10.43
CA ALA A 246 6.30 -9.97 11.59
C ALA A 246 7.09 -9.11 12.57
N THR A 247 8.38 -9.41 12.73
CA THR A 247 9.22 -8.69 13.67
C THR A 247 9.85 -7.42 13.09
N ASN A 248 9.68 -7.19 11.80
CA ASN A 248 10.31 -6.06 11.12
C ASN A 248 9.56 -4.74 11.26
N GLU A 249 10.32 -3.65 11.34
CA GLU A 249 9.78 -2.32 11.56
C GLU A 249 8.74 -1.88 10.52
N TYR A 250 8.84 -2.40 9.29
CA TYR A 250 7.87 -2.06 8.26
C TYR A 250 6.97 -3.22 7.83
N ALA A 251 7.54 -4.41 7.72
CA ALA A 251 6.80 -5.54 7.17
C ALA A 251 5.72 -6.02 8.14
N ASN A 252 5.80 -5.60 9.40
CA ASN A 252 4.79 -6.01 10.36
C ASN A 252 3.40 -5.52 9.96
N TYR A 253 3.34 -4.42 9.21
CA TYR A 253 2.07 -3.91 8.72
C TYR A 253 1.44 -4.85 7.69
N ILE A 254 2.29 -5.52 6.92
CA ILE A 254 1.79 -6.46 5.95
C ILE A 254 1.18 -7.66 6.66
N ILE A 255 1.89 -8.16 7.67
CA ILE A 255 1.41 -9.32 8.39
C ILE A 255 0.11 -8.97 9.13
N GLN A 256 0.06 -7.78 9.70
CA GLN A 256 -1.18 -7.33 10.33
C GLN A 256 -2.32 -7.25 9.34
N HIS A 257 -2.05 -6.71 8.15
CA HIS A 257 -3.09 -6.61 7.15
C HIS A 257 -3.66 -7.98 6.82
N ILE A 258 -2.79 -8.97 6.64
CA ILE A 258 -3.27 -10.30 6.28
C ILE A 258 -4.08 -10.89 7.43
N VAL A 259 -3.53 -10.83 8.64
CA VAL A 259 -4.19 -11.39 9.81
C VAL A 259 -5.56 -10.73 10.04
N SER A 260 -5.65 -9.44 9.75
CA SER A 260 -6.85 -8.66 10.05
C SER A 260 -7.98 -8.80 9.04
N ASN A 261 -7.65 -9.27 7.84
CA ASN A 261 -8.64 -9.28 6.78
C ASN A 261 -9.35 -10.63 6.67
N ASP A 262 -10.64 -10.63 7.00
CA ASP A 262 -11.49 -11.82 6.87
C ASP A 262 -11.40 -12.44 5.46
N ASP A 263 -11.27 -11.60 4.44
CA ASP A 263 -11.15 -12.14 3.08
C ASP A 263 -9.82 -12.86 2.82
N LEU A 264 -8.92 -12.83 3.79
CA LEU A 264 -7.69 -13.59 3.70
C LEU A 264 -7.62 -14.63 4.82
N ALA A 265 -8.78 -15.10 5.28
CA ALA A 265 -8.86 -15.95 6.47
C ALA A 265 -7.95 -17.19 6.43
N VAL A 266 -7.91 -17.89 5.30
CA VAL A 266 -7.05 -19.07 5.21
C VAL A 266 -5.56 -18.73 5.40
N TYR A 267 -5.14 -17.56 4.91
CA TYR A 267 -3.76 -17.11 5.08
C TYR A 267 -3.50 -16.58 6.50
N ARG A 268 -4.49 -15.95 7.09
CA ARG A 268 -4.41 -15.61 8.50
C ARG A 268 -4.10 -16.85 9.35
N GLU A 269 -4.80 -17.95 9.08
CA GLU A 269 -4.58 -19.15 9.89
C GLU A 269 -3.20 -19.76 9.68
N CYS A 270 -2.72 -19.73 8.44
CA CYS A 270 -1.37 -20.19 8.13
C CYS A 270 -0.32 -19.44 8.96
N ILE A 271 -0.46 -18.12 9.00
CA ILE A 271 0.54 -17.27 9.66
C ILE A 271 0.55 -17.51 11.16
N ILE A 272 -0.63 -17.57 11.74
CA ILE A 272 -0.75 -17.83 13.17
C ILE A 272 -0.08 -19.17 13.50
N GLU A 273 -0.41 -20.21 12.73
CA GLU A 273 0.17 -21.54 12.96
C GLU A 273 1.68 -21.58 12.68
N LYS A 274 2.13 -20.85 11.67
CA LYS A 274 3.51 -20.91 11.19
C LYS A 274 4.51 -20.18 12.08
N CYS A 275 4.16 -18.99 12.56
CA CYS A 275 5.17 -18.23 13.29
C CYS A 275 4.73 -17.67 14.64
N LEU A 276 3.42 -17.60 14.89
CA LEU A 276 2.95 -17.02 16.15
C LEU A 276 2.76 -18.06 17.26
N MET A 277 2.07 -19.15 16.95
CA MET A 277 1.83 -20.19 17.95
C MET A 277 3.14 -20.68 18.53
N ARG A 278 3.17 -20.85 19.85
CA ARG A 278 4.36 -21.29 20.59
C ARG A 278 5.40 -20.18 20.73
N ASN A 279 5.13 -19.03 20.14
CA ASN A 279 6.06 -17.91 20.26
C ASN A 279 5.38 -16.68 20.83
N LEU A 280 4.19 -16.86 21.42
CA LEU A 280 3.39 -15.70 21.82
C LEU A 280 4.08 -14.86 22.91
N LEU A 281 4.68 -15.52 23.89
CA LEU A 281 5.32 -14.76 24.98
C LEU A 281 6.47 -13.91 24.45
N SER A 282 7.29 -14.52 23.60
CA SER A 282 8.41 -13.84 23.01
C SER A 282 7.96 -12.69 22.12
N LEU A 283 6.99 -12.96 21.25
CA LEU A 283 6.59 -11.94 20.26
C LEU A 283 5.85 -10.79 20.92
N SER A 284 5.19 -11.07 22.05
CA SER A 284 4.45 -10.04 22.77
C SER A 284 5.38 -9.03 23.41
N GLN A 285 6.65 -9.41 23.56
CA GLN A 285 7.66 -8.52 24.13
C GLN A 285 8.45 -7.76 23.07
N GLU A 286 8.07 -7.90 21.81
CA GLU A 286 8.74 -7.21 20.71
C GLU A 286 8.01 -5.92 20.32
N LYS A 287 8.78 -4.87 20.01
CA LYS A 287 8.18 -3.60 19.67
C LYS A 287 7.20 -3.74 18.51
N PHE A 288 7.64 -4.38 17.43
CA PHE A 288 6.83 -4.46 16.22
C PHE A 288 5.90 -5.69 16.22
N ALA A 289 6.38 -6.84 16.63
CA ALA A 289 5.54 -8.05 16.56
C ALA A 289 4.40 -8.05 17.57
N SER A 290 4.53 -7.27 18.65
CA SER A 290 3.46 -7.22 19.64
C SER A 290 2.15 -6.76 19.00
N HIS A 291 2.24 -5.87 18.01
CA HIS A 291 1.05 -5.45 17.26
C HIS A 291 0.46 -6.60 16.43
N VAL A 292 1.31 -7.44 15.89
CA VAL A 292 0.84 -8.61 15.16
C VAL A 292 0.13 -9.58 16.09
N VAL A 293 0.70 -9.78 17.27
CA VAL A 293 0.07 -10.66 18.26
C VAL A 293 -1.34 -10.18 18.63
N GLU A 294 -1.49 -8.86 18.81
CA GLU A 294 -2.81 -8.30 19.09
C GLU A 294 -3.80 -8.61 17.96
N LYS A 295 -3.40 -8.37 16.70
CA LYS A 295 -4.29 -8.69 15.59
C LYS A 295 -4.71 -10.16 15.57
N ALA A 296 -3.77 -11.04 15.90
CA ALA A 296 -4.07 -12.47 15.90
C ALA A 296 -5.12 -12.80 16.96
N PHE A 297 -4.96 -12.28 18.17
CA PHE A 297 -6.00 -12.44 19.19
C PHE A 297 -7.35 -11.91 18.71
N LEU A 298 -7.35 -10.73 18.11
CA LEU A 298 -8.59 -10.09 17.68
C LEU A 298 -9.33 -10.82 16.57
N HIS A 299 -8.60 -11.59 15.76
CA HIS A 299 -9.17 -12.12 14.52
C HIS A 299 -9.08 -13.64 14.35
N ALA A 300 -8.35 -14.32 15.22
CA ALA A 300 -8.22 -15.76 15.09
C ALA A 300 -9.60 -16.41 15.20
N PRO A 301 -9.81 -17.49 14.44
CA PRO A 301 -11.02 -18.30 14.61
C PRO A 301 -11.01 -18.92 16.00
N LEU A 302 -12.19 -19.21 16.55
CA LEU A 302 -12.32 -19.67 17.94
C LEU A 302 -11.36 -20.79 18.35
N GLU A 303 -11.17 -21.79 17.49
CA GLU A 303 -10.32 -22.92 17.84
C GLU A 303 -8.86 -22.50 18.03
N LEU A 304 -8.38 -21.61 17.18
CA LEU A 304 -7.02 -21.10 17.33
C LEU A 304 -6.94 -20.11 18.48
N LEU A 305 -7.99 -19.30 18.65
CA LEU A 305 -8.03 -18.37 19.77
C LEU A 305 -7.91 -19.13 21.09
N ALA A 306 -8.59 -20.26 21.21
CA ALA A 306 -8.52 -21.06 22.43
C ALA A 306 -7.11 -21.54 22.68
N GLU A 307 -6.43 -21.96 21.61
CA GLU A 307 -5.05 -22.41 21.72
C GLU A 307 -4.14 -21.27 22.14
N MET A 308 -4.38 -20.08 21.58
CA MET A 308 -3.60 -18.89 21.96
C MET A 308 -3.81 -18.55 23.43
N MET A 309 -5.06 -18.49 23.86
CA MET A 309 -5.37 -18.21 25.26
C MET A 309 -4.67 -19.24 26.15
N ASP A 310 -4.82 -20.50 25.79
CA ASP A 310 -4.25 -21.60 26.54
C ASP A 310 -2.73 -21.46 26.66
N GLU A 311 -2.09 -20.98 25.60
CA GLU A 311 -0.65 -20.78 25.60
C GLU A 311 -0.23 -19.75 26.63
N ILE A 312 -0.95 -18.63 26.69
CA ILE A 312 -0.63 -17.60 27.68
C ILE A 312 -0.89 -18.08 29.11
N PHE A 313 -2.04 -18.69 29.34
CA PHE A 313 -2.43 -19.09 30.69
C PHE A 313 -1.63 -20.31 31.20
N ASP A 314 -1.21 -21.17 30.28
CA ASP A 314 -0.70 -22.47 30.67
C ASP A 314 0.44 -23.00 29.79
N GLY A 315 0.91 -22.19 28.86
CA GLY A 315 1.90 -22.67 27.90
C GLY A 315 3.34 -22.62 28.37
N TYR A 316 3.60 -21.93 29.48
CA TYR A 316 4.98 -21.68 29.91
C TYR A 316 5.21 -22.05 31.37
N ILE A 317 6.44 -22.50 31.66
CA ILE A 317 6.82 -22.85 33.02
C ILE A 317 7.19 -21.59 33.78
N PRO A 318 6.58 -21.37 34.95
CA PRO A 318 6.90 -20.19 35.77
C PRO A 318 8.39 -20.17 36.16
N HIS A 319 8.92 -18.98 36.45
CA HIS A 319 10.31 -18.86 36.87
C HIS A 319 10.60 -19.77 38.08
N PRO A 320 11.69 -20.54 38.02
CA PRO A 320 12.01 -21.54 39.05
C PRO A 320 12.21 -20.95 40.44
N ASP A 321 12.55 -19.67 40.53
CA ASP A 321 12.81 -19.08 41.85
C ASP A 321 11.65 -18.21 42.31
N THR A 322 11.15 -17.35 41.44
CA THR A 322 10.12 -16.37 41.85
C THR A 322 8.68 -16.85 41.64
N GLY A 323 8.48 -17.81 40.75
CA GLY A 323 7.15 -18.26 40.42
C GLY A 323 6.41 -17.31 39.48
N LYS A 324 7.12 -16.32 38.94
CA LYS A 324 6.52 -15.43 37.94
C LYS A 324 6.15 -16.23 36.69
N ASP A 325 4.95 -16.02 36.17
CA ASP A 325 4.53 -16.71 34.96
C ASP A 325 4.42 -15.78 33.74
N ALA A 326 3.99 -16.34 32.61
CA ALA A 326 3.86 -15.55 31.37
C ALA A 326 2.96 -14.34 31.56
N LEU A 327 1.85 -14.54 32.25
CA LEU A 327 0.91 -13.44 32.49
C LEU A 327 1.54 -12.35 33.34
N ASP A 328 2.28 -12.73 34.38
CA ASP A 328 2.99 -11.75 35.20
C ASP A 328 3.94 -10.93 34.32
N ILE A 329 4.70 -11.62 33.49
CA ILE A 329 5.68 -10.97 32.61
C ILE A 329 4.99 -9.98 31.68
N MET A 330 3.95 -10.44 31.01
CA MET A 330 3.31 -9.64 29.97
C MET A 330 2.58 -8.43 30.55
N MET A 331 1.91 -8.60 31.69
CA MET A 331 1.13 -7.53 32.29
C MET A 331 1.98 -6.30 32.63
N PHE A 332 3.24 -6.54 32.96
CA PHE A 332 4.10 -5.44 33.38
C PHE A 332 5.16 -5.10 32.34
N HIS A 333 5.08 -5.72 31.18
CA HIS A 333 6.08 -5.47 30.12
C HIS A 333 5.69 -4.26 29.29
N GLN A 334 6.70 -3.54 28.79
CA GLN A 334 6.46 -2.29 28.06
C GLN A 334 5.62 -2.48 26.78
N PHE A 335 5.71 -3.65 26.16
CA PHE A 335 4.88 -3.96 25.00
C PHE A 335 3.84 -5.04 25.32
N GLY A 336 4.25 -6.02 26.12
CA GLY A 336 3.36 -7.11 26.50
C GLY A 336 2.06 -6.65 27.13
N ASN A 337 2.08 -5.53 27.85
CA ASN A 337 0.90 -5.08 28.57
C ASN A 337 -0.29 -4.81 27.63
N TYR A 338 0.00 -4.40 26.41
CA TYR A 338 -1.06 -4.12 25.44
C TYR A 338 -1.71 -5.41 24.93
N VAL A 339 -0.92 -6.48 24.88
CA VAL A 339 -1.45 -7.75 24.45
C VAL A 339 -2.44 -8.26 25.51
N VAL A 340 -2.05 -8.16 26.77
CA VAL A 340 -2.95 -8.57 27.85
C VAL A 340 -4.23 -7.74 27.87
N GLN A 341 -4.13 -6.44 27.61
CA GLN A 341 -5.31 -5.58 27.54
C GLN A 341 -6.23 -6.03 26.40
N CYS A 342 -5.64 -6.37 25.27
CA CYS A 342 -6.36 -6.91 24.13
C CYS A 342 -7.12 -8.20 24.51
N MET A 343 -6.44 -9.13 25.17
CA MET A 343 -7.08 -10.37 25.62
C MET A 343 -8.29 -10.06 26.50
N LEU A 344 -8.12 -9.14 27.42
CA LEU A 344 -9.21 -8.83 28.36
C LEU A 344 -10.39 -8.19 27.64
N THR A 345 -10.11 -7.26 26.74
CA THR A 345 -11.14 -6.56 26.00
C THR A 345 -11.96 -7.53 25.16
N ILE A 346 -11.27 -8.50 24.56
CA ILE A 346 -11.93 -9.52 23.77
C ILE A 346 -12.93 -10.29 24.64
N CYS A 347 -12.47 -10.72 25.81
CA CYS A 347 -13.30 -11.51 26.70
C CYS A 347 -14.49 -10.71 27.22
N CYS A 348 -14.25 -9.45 27.55
CA CYS A 348 -15.34 -8.58 28.00
C CYS A 348 -16.35 -8.33 26.88
N ASP A 349 -15.88 -8.06 25.67
CA ASP A 349 -16.77 -7.91 24.52
C ASP A 349 -17.64 -9.15 24.32
N ALA A 350 -17.01 -10.32 24.43
CA ALA A 350 -17.73 -11.57 24.22
C ALA A 350 -18.82 -11.79 25.27
N VAL A 351 -18.49 -11.56 26.53
CA VAL A 351 -19.41 -11.84 27.63
C VAL A 351 -20.55 -10.82 27.69
N SER A 352 -20.30 -9.61 27.19
CA SER A 352 -21.31 -8.57 27.17
C SER A 352 -22.06 -8.52 25.84
N GLY A 353 -21.80 -9.48 24.97
CA GLY A 353 -22.55 -9.60 23.73
C GLY A 353 -22.19 -8.61 22.64
N ARG A 354 -21.07 -7.93 22.80
CA ARG A 354 -20.57 -7.03 21.77
C ARG A 354 -19.81 -7.81 20.69
N ARG A 355 -19.49 -9.06 21.01
CA ARG A 355 -18.76 -9.94 20.11
C ARG A 355 -19.48 -11.29 20.02
N GLN A 356 -19.69 -11.74 18.78
CA GLN A 356 -20.42 -12.97 18.50
C GLN A 356 -19.65 -14.20 18.98
N THR A 357 -20.27 -15.01 19.84
CA THR A 357 -19.57 -16.16 20.42
C THR A 357 -19.86 -17.48 19.71
N LYS A 358 -20.83 -17.48 18.81
CA LYS A 358 -21.16 -18.68 18.04
C LYS A 358 -20.25 -18.81 16.83
N GLU A 359 -19.64 -19.98 16.68
CA GLU A 359 -18.75 -20.25 15.57
C GLU A 359 -18.47 -21.73 15.61
N GLY A 360 -18.26 -22.31 14.43
CA GLY A 360 -17.96 -23.74 14.32
C GLY A 360 -19.08 -24.64 14.79
N GLY A 361 -20.32 -24.17 14.67
CA GLY A 361 -21.48 -24.94 15.06
C GLY A 361 -21.67 -25.04 16.55
N TYR A 362 -21.09 -24.10 17.30
CA TYR A 362 -21.20 -24.09 18.74
C TYR A 362 -21.11 -22.67 19.30
N ASP A 363 -21.79 -22.43 20.43
CA ASP A 363 -21.69 -21.17 21.16
C ASP A 363 -20.57 -21.26 22.19
N HIS A 364 -19.48 -20.55 21.93
CA HIS A 364 -18.28 -20.67 22.75
C HIS A 364 -18.26 -19.75 23.96
N ALA A 365 -19.41 -19.20 24.33
CA ALA A 365 -19.45 -18.24 25.44
C ALA A 365 -18.78 -18.79 26.69
N ILE A 366 -18.96 -20.08 26.95
CA ILE A 366 -18.35 -20.72 28.09
C ILE A 366 -16.82 -20.58 28.12
N SER A 367 -16.19 -20.60 26.94
CA SER A 367 -14.74 -20.42 26.89
C SER A 367 -14.34 -19.01 27.28
N PHE A 368 -15.05 -18.01 26.73
CA PHE A 368 -14.74 -16.63 27.06
C PHE A 368 -14.96 -16.34 28.55
N GLN A 369 -16.00 -16.94 29.11
CA GLN A 369 -16.28 -16.78 30.54
C GLN A 369 -15.14 -17.34 31.37
N ASP A 370 -14.59 -18.45 30.90
CA ASP A 370 -13.49 -19.13 31.57
C ASP A 370 -12.25 -18.23 31.54
N TRP A 371 -11.89 -17.75 30.36
CA TRP A 371 -10.71 -16.89 30.23
C TRP A 371 -10.87 -15.58 31.01
N LEU A 372 -12.09 -15.05 30.98
CA LEU A 372 -12.36 -13.82 31.69
C LEU A 372 -12.12 -14.02 33.19
N LYS A 373 -12.64 -15.13 33.71
CA LYS A 373 -12.49 -15.46 35.13
C LYS A 373 -11.02 -15.56 35.55
N LYS A 374 -10.18 -16.09 34.66
CA LYS A 374 -8.74 -16.17 34.96
C LYS A 374 -8.11 -14.78 35.00
N LEU A 375 -8.44 -13.95 34.02
CA LEU A 375 -7.94 -12.58 34.03
C LEU A 375 -8.42 -11.79 35.25
N HIS A 376 -9.70 -11.92 35.57
CA HIS A 376 -10.28 -11.18 36.69
C HIS A 376 -9.62 -11.60 37.99
N SER A 377 -9.39 -12.90 38.13
CA SER A 377 -8.73 -13.42 39.32
C SER A 377 -7.29 -12.91 39.47
N ARG A 378 -6.55 -12.86 38.36
CA ARG A 378 -5.19 -12.32 38.40
C ARG A 378 -5.19 -10.83 38.71
N VAL A 379 -6.08 -10.10 38.06
CA VAL A 379 -6.10 -8.66 38.25
C VAL A 379 -6.46 -8.31 39.70
N THR A 380 -7.40 -9.06 40.26
CA THR A 380 -7.82 -8.91 41.65
C THR A 380 -6.65 -9.13 42.59
N LYS A 381 -5.97 -10.26 42.43
CA LYS A 381 -4.83 -10.61 43.27
C LYS A 381 -3.71 -9.60 43.19
N GLU A 382 -3.47 -9.07 41.99
CA GLU A 382 -2.34 -8.18 41.78
C GLU A 382 -2.75 -6.71 41.67
N ARG A 383 -3.94 -6.39 42.18
CA ARG A 383 -4.48 -5.04 41.98
C ARG A 383 -3.58 -3.91 42.47
N HIS A 384 -2.87 -4.13 43.56
CA HIS A 384 -2.00 -3.09 44.10
C HIS A 384 -0.82 -2.74 43.20
N ARG A 385 -0.11 -3.75 42.71
CA ARG A 385 0.97 -3.47 41.77
C ARG A 385 0.44 -2.92 40.44
N LEU A 386 -0.67 -3.49 39.97
CA LEU A 386 -1.24 -3.05 38.70
C LEU A 386 -1.67 -1.58 38.74
N SER A 387 -2.18 -1.15 39.90
CA SER A 387 -2.68 0.23 40.03
C SER A 387 -1.57 1.27 39.92
N ARG A 388 -0.32 0.82 39.94
CA ARG A 388 0.82 1.72 39.75
C ARG A 388 0.99 2.14 38.29
N PHE A 389 0.37 1.40 37.37
CA PHE A 389 0.58 1.62 35.94
C PHE A 389 -0.71 1.99 35.23
N SER A 390 -0.60 2.86 34.23
CA SER A 390 -1.74 3.19 33.38
C SER A 390 -2.42 1.94 32.83
N SER A 391 -1.62 0.97 32.35
CA SER A 391 -2.19 -0.24 31.76
C SER A 391 -2.99 -1.01 32.80
N GLY A 392 -2.48 -1.06 34.03
CA GLY A 392 -3.17 -1.76 35.09
C GLY A 392 -4.45 -1.07 35.50
N LYS A 393 -4.41 0.24 35.66
CA LYS A 393 -5.64 0.99 35.93
C LYS A 393 -6.67 0.75 34.84
N LYS A 394 -6.22 0.67 33.59
CA LYS A 394 -7.14 0.45 32.47
C LYS A 394 -7.85 -0.90 32.58
N MET A 395 -7.11 -1.95 32.94
CA MET A 395 -7.71 -3.28 33.06
C MET A 395 -8.69 -3.35 34.23
N ILE A 396 -8.30 -2.72 35.34
CA ILE A 396 -9.17 -2.65 36.50
C ILE A 396 -10.48 -1.95 36.13
N GLU A 397 -10.37 -0.86 35.38
CA GLU A 397 -11.54 -0.10 34.96
C GLU A 397 -12.39 -0.90 33.96
N THR A 398 -11.72 -1.65 33.10
CA THR A 398 -12.42 -2.50 32.13
C THR A 398 -13.29 -3.53 32.86
N LEU A 399 -12.73 -4.20 33.86
CA LEU A 399 -13.50 -5.15 34.65
C LEU A 399 -14.61 -4.46 35.47
N ALA A 400 -14.31 -3.28 35.99
CA ALA A 400 -15.31 -2.49 36.71
C ALA A 400 -16.49 -2.11 35.82
N ASN A 401 -16.20 -1.74 34.56
CA ASN A 401 -17.24 -1.36 33.61
C ASN A 401 -18.13 -2.55 33.23
N LEU A 402 -17.54 -3.73 33.14
CA LEU A 402 -18.30 -4.94 32.80
C LEU A 402 -19.34 -5.21 33.89
N ARG A 403 -18.89 -5.15 35.14
CA ARG A 403 -19.75 -5.37 36.30
C ARG A 403 -20.98 -4.47 36.28
N SER A 404 -20.80 -3.24 35.81
CA SER A 404 -21.91 -2.29 35.72
C SER A 404 -22.82 -2.61 34.53
#